data_3TTG
#
_entry.id   3TTG
#
_cell.length_a   115.616
_cell.length_b   115.616
_cell.length_c   75.428
_cell.angle_alpha   90.00
_cell.angle_beta   90.00
_cell.angle_gamma   90.00
#
_symmetry.space_group_name_H-M   'P 43 21 2'
#
loop_
_entity.id
_entity.type
_entity.pdbx_description
1 polymer 'Putative aminomethyltransferase'
2 non-polymer 'CHLORIDE ION'
3 water water
#
_entity_poly.entity_id   1
_entity_poly.type   'polypeptide(L)'
_entity_poly.pdbx_seq_one_letter_code
;(MSE)GSSHHHHHHSSGRENLYFQG(MSE)LTEVSDTRIAHKKFGLFYPSVSRPSIFVEGEDRKNFLQGIASQDILKQDE
KSLSYSFFLNPKARILFDAWCGNFEDKIALFPPAGTREEFVNHLKKYLFFRTKAKITD(MSE)SDHFREIRLVGPETISV
LLSLFDNNFSGSSFR(MSE)LKNGGYVLIHPTSFQHNLDVGLQADLFIPIDQFETTQKSLEDFTSNKGGVLLDESSYLAY
LTEKGIPLFPSELNDSFFPAEAGLDSVGVSYNKGCYVGQEPVTRLKFQGHLNRSLAGFRLEGGPFPK(MSE)EFPVTLFN
PKDGNEAGILTRTSSSDILGSGIGLGYIKRNFSENGTELLLPDAQLVRVHSLPFV
;
_entity_poly.pdbx_strand_id   A
#
# COMPACT_ATOMS: atom_id res chain seq x y z
N ASN A 16 -7.40 25.48 19.79
CA ASN A 16 -5.97 25.75 20.03
C ASN A 16 -5.30 24.41 20.35
N LEU A 17 -4.75 23.74 19.33
CA LEU A 17 -4.11 22.43 19.49
C LEU A 17 -2.61 22.60 19.45
N TYR A 18 -1.90 21.77 20.21
CA TYR A 18 -0.45 21.82 20.34
C TYR A 18 0.18 20.94 19.31
N PHE A 19 0.62 21.54 18.21
CA PHE A 19 1.29 20.83 17.12
C PHE A 19 2.73 21.34 17.04
N GLN A 20 3.33 21.52 18.20
CA GLN A 20 4.68 22.05 18.38
C GLN A 20 5.58 21.02 19.05
N GLY A 21 5.21 19.73 19.05
CA GLY A 21 5.94 18.76 19.86
C GLY A 21 7.20 18.20 19.25
N LEU A 23 8.86 14.57 18.82
CA LEU A 23 8.52 13.16 18.95
C LEU A 23 9.76 12.32 18.53
N THR A 24 10.66 12.14 19.46
CA THR A 24 11.97 11.55 19.20
C THR A 24 11.94 10.12 18.71
N GLU A 25 10.89 9.32 19.06
CA GLU A 25 10.87 7.92 18.61
C GLU A 25 10.76 7.77 17.08
N VAL A 26 10.28 8.77 16.34
CA VAL A 26 10.19 8.70 14.85
C VAL A 26 10.95 9.82 14.16
N SER A 27 11.88 10.49 14.90
CA SER A 27 12.69 11.56 14.32
C SER A 27 13.53 11.09 13.10
N ASP A 28 13.90 9.81 13.05
CA ASP A 28 14.71 9.31 11.95
C ASP A 28 13.92 9.12 10.63
N THR A 29 12.58 9.40 10.56
CA THR A 29 11.93 9.37 9.22
C THR A 29 12.50 10.52 8.40
N ARG A 30 12.99 11.59 9.07
CA ARG A 30 13.59 12.75 8.39
C ARG A 30 14.69 12.33 7.42
N ILE A 31 15.52 11.35 7.84
CA ILE A 31 16.61 10.84 7.00
C ILE A 31 16.01 10.07 5.84
N ALA A 32 14.98 9.27 6.08
CA ALA A 32 14.38 8.52 4.98
C ALA A 32 13.75 9.45 3.94
N HIS A 33 13.13 10.58 4.37
CA HIS A 33 12.53 11.54 3.45
C HIS A 33 13.58 12.30 2.62
N LYS A 34 14.78 12.50 3.15
CA LYS A 34 15.84 13.25 2.47
C LYS A 34 16.79 12.33 1.69
N LYS A 35 17.11 11.15 2.22
CA LYS A 35 18.02 10.20 1.57
C LYS A 35 17.28 8.89 1.26
N PHE A 36 17.31 7.95 2.17
CA PHE A 36 16.58 6.70 2.00
C PHE A 36 16.49 5.98 3.31
N GLY A 37 15.49 5.13 3.39
CA GLY A 37 15.23 4.31 4.54
C GLY A 37 15.21 2.88 4.10
N LEU A 38 15.67 2.01 4.96
CA LEU A 38 15.75 0.57 4.78
C LEU A 38 14.91 -0.09 5.87
N PHE A 39 14.05 -1.08 5.49
CA PHE A 39 13.18 -1.78 6.41
C PHE A 39 13.13 -3.27 6.12
N TYR A 40 13.23 -4.10 7.18
CA TYR A 40 13.15 -5.55 7.07
C TYR A 40 11.85 -6.04 7.68
N PRO A 41 10.79 -6.23 6.91
CA PRO A 41 9.51 -6.66 7.53
C PRO A 41 9.59 -8.01 8.21
N SER A 42 8.91 -8.13 9.34
CA SER A 42 8.82 -9.35 10.12
C SER A 42 8.02 -10.39 9.35
N VAL A 43 7.01 -9.92 8.62
CA VAL A 43 6.21 -10.77 7.76
C VAL A 43 6.17 -10.10 6.40
N SER A 44 6.72 -10.72 5.41
CA SER A 44 6.70 -10.13 4.07
C SER A 44 5.36 -10.33 3.37
N ARG A 45 5.13 -9.62 2.25
CA ARG A 45 4.06 -10.03 1.39
C ARG A 45 4.36 -11.46 0.85
N PRO A 46 3.35 -12.32 0.77
CA PRO A 46 3.54 -13.61 0.08
C PRO A 46 3.88 -13.43 -1.41
N SER A 47 4.50 -14.44 -1.99
CA SER A 47 4.95 -14.52 -3.40
C SER A 47 4.16 -15.58 -4.08
N ILE A 48 3.08 -15.21 -4.77
CA ILE A 48 2.18 -16.19 -5.38
C ILE A 48 2.32 -16.17 -6.85
N PHE A 49 2.54 -17.33 -7.47
CA PHE A 49 2.68 -17.37 -8.94
C PHE A 49 1.52 -18.10 -9.56
N VAL A 50 1.10 -17.61 -10.74
CA VAL A 50 0.03 -18.22 -11.52
C VAL A 50 0.57 -18.55 -12.92
N GLU A 51 0.46 -19.81 -13.28
CA GLU A 51 0.89 -20.29 -14.59
C GLU A 51 -0.22 -21.01 -15.28
N GLY A 52 -0.02 -21.24 -16.57
CA GLY A 52 -0.97 -21.99 -17.39
C GLY A 52 -1.49 -21.18 -18.54
N GLU A 53 -2.05 -21.87 -19.52
CA GLU A 53 -2.56 -21.27 -20.74
C GLU A 53 -3.70 -20.28 -20.48
N ASP A 54 -4.55 -20.51 -19.47
CA ASP A 54 -5.67 -19.61 -19.13
C ASP A 54 -5.34 -18.69 -17.95
N ARG A 55 -4.07 -18.49 -17.60
CA ARG A 55 -3.72 -17.65 -16.44
C ARG A 55 -4.26 -16.23 -16.56
N LYS A 56 -4.22 -15.65 -17.76
CA LYS A 56 -4.55 -14.25 -17.99
C LYS A 56 -6.04 -14.00 -17.87
N ASN A 57 -6.83 -14.74 -18.59
CA ASN A 57 -8.28 -14.65 -18.54
C ASN A 57 -8.80 -14.95 -17.11
N PHE A 58 -8.20 -15.96 -16.49
CA PHE A 58 -8.54 -16.37 -15.14
C PHE A 58 -8.36 -15.15 -14.18
N LEU A 59 -7.20 -14.56 -14.14
CA LEU A 59 -6.94 -13.45 -13.25
C LEU A 59 -7.68 -12.18 -13.64
N GLN A 60 -7.85 -11.94 -14.93
CA GLN A 60 -8.59 -10.76 -15.41
C GLN A 60 -10.04 -10.72 -14.93
N GLY A 61 -10.66 -11.90 -14.74
CA GLY A 61 -12.03 -11.99 -14.28
C GLY A 61 -12.18 -11.83 -12.78
N ILE A 62 -11.08 -11.76 -12.05
CA ILE A 62 -11.21 -11.62 -10.58
C ILE A 62 -10.50 -10.39 -10.00
N ALA A 63 -9.47 -9.87 -10.67
CA ALA A 63 -8.75 -8.66 -10.32
C ALA A 63 -9.55 -7.46 -10.84
N SER A 64 -9.50 -6.34 -10.11
CA SER A 64 -10.16 -5.11 -10.58
C SER A 64 -9.30 -4.35 -11.61
N GLN A 65 -8.00 -4.66 -11.67
CA GLN A 65 -7.07 -4.04 -12.59
C GLN A 65 -7.05 -4.78 -13.92
N ASP A 66 -6.77 -4.06 -14.98
CA ASP A 66 -6.53 -4.61 -16.30
C ASP A 66 -5.11 -5.26 -16.35
N ILE A 67 -5.08 -6.59 -16.23
CA ILE A 67 -3.87 -7.45 -16.23
C ILE A 67 -3.41 -7.75 -17.66
N LEU A 68 -4.31 -7.80 -18.65
CA LEU A 68 -4.01 -8.13 -20.07
C LEU A 68 -3.17 -7.07 -20.75
N LYS A 69 -3.52 -5.81 -20.55
CA LYS A 69 -2.82 -4.68 -21.17
C LYS A 69 -1.41 -4.50 -20.62
N GLN A 70 -1.20 -4.91 -19.34
CA GLN A 70 0.08 -4.75 -18.65
C GLN A 70 1.27 -5.28 -19.47
N ASP A 71 2.36 -4.47 -19.58
CA ASP A 71 3.58 -4.83 -20.34
C ASP A 71 4.49 -5.85 -19.56
N GLU A 72 5.55 -6.34 -20.22
CA GLU A 72 6.44 -7.38 -19.70
C GLU A 72 7.18 -7.03 -18.39
N LYS A 73 7.81 -5.84 -18.28
CA LYS A 73 8.55 -5.55 -17.02
C LYS A 73 7.79 -4.48 -16.19
N SER A 74 6.47 -4.42 -16.31
CA SER A 74 5.68 -3.46 -15.59
C SER A 74 5.10 -4.09 -14.33
N LEU A 75 4.79 -3.19 -13.39
CA LEU A 75 4.12 -3.56 -12.19
C LEU A 75 2.76 -2.85 -12.17
N SER A 76 1.74 -3.51 -11.69
CA SER A 76 0.44 -2.85 -11.53
C SER A 76 -0.13 -3.17 -10.16
N TYR A 77 -0.95 -2.26 -9.64
CA TYR A 77 -1.65 -2.42 -8.41
C TYR A 77 -3.06 -2.91 -8.75
N SER A 78 -3.57 -3.78 -7.95
CA SER A 78 -4.95 -4.25 -8.12
C SER A 78 -5.61 -4.53 -6.80
N PHE A 79 -6.93 -4.46 -6.81
CA PHE A 79 -7.76 -4.99 -5.78
C PHE A 79 -8.36 -6.32 -6.24
N PHE A 80 -8.80 -7.08 -5.27
CA PHE A 80 -9.63 -8.28 -5.42
C PHE A 80 -10.85 -7.99 -4.61
N LEU A 81 -11.95 -7.83 -5.28
CA LEU A 81 -13.20 -7.44 -4.60
C LEU A 81 -14.16 -8.56 -4.46
N ASN A 82 -15.13 -8.38 -3.55
CA ASN A 82 -16.25 -9.28 -3.43
C ASN A 82 -17.31 -8.81 -4.45
N PRO A 83 -18.42 -9.54 -4.64
CA PRO A 83 -19.44 -9.14 -5.63
C PRO A 83 -20.09 -7.74 -5.43
N LYS A 84 -20.08 -7.25 -4.18
CA LYS A 84 -20.60 -5.95 -3.84
C LYS A 84 -19.50 -4.87 -3.98
N ALA A 85 -18.27 -5.21 -4.48
CA ALA A 85 -17.19 -4.28 -4.72
C ALA A 85 -16.48 -3.78 -3.48
N ARG A 86 -16.62 -4.48 -2.34
CA ARG A 86 -15.82 -4.18 -1.17
C ARG A 86 -14.46 -4.88 -1.31
N ILE A 87 -13.44 -4.31 -0.71
CA ILE A 87 -12.07 -4.77 -0.82
C ILE A 87 -11.83 -6.02 0.02
N LEU A 88 -11.35 -7.08 -0.61
CA LEU A 88 -10.93 -8.28 0.12
C LEU A 88 -9.46 -8.28 0.25
N PHE A 89 -8.75 -7.98 -0.83
CA PHE A 89 -7.27 -7.89 -0.86
C PHE A 89 -6.80 -6.84 -1.82
N ASP A 90 -5.55 -6.41 -1.67
CA ASP A 90 -4.84 -5.66 -2.68
C ASP A 90 -3.67 -6.57 -3.09
N ALA A 91 -3.08 -6.34 -4.22
CA ALA A 91 -1.87 -7.06 -4.65
C ALA A 91 -1.05 -6.21 -5.61
N TRP A 92 0.25 -6.42 -5.62
CA TRP A 92 1.17 -5.96 -6.65
C TRP A 92 1.22 -7.08 -7.64
N CYS A 93 1.14 -6.76 -8.93
N CYS A 93 1.13 -6.76 -8.94
CA CYS A 93 1.05 -7.74 -10.01
CA CYS A 93 1.05 -7.74 -10.00
C CYS A 93 2.16 -7.50 -11.03
C CYS A 93 2.13 -7.51 -11.05
N GLY A 94 2.91 -8.54 -11.33
CA GLY A 94 3.97 -8.53 -12.32
C GLY A 94 3.90 -9.70 -13.27
N ASN A 95 4.58 -9.62 -14.40
CA ASN A 95 4.68 -10.71 -15.39
C ASN A 95 6.12 -11.11 -15.57
N PHE A 96 6.40 -12.40 -15.67
CA PHE A 96 7.75 -12.86 -15.95
C PHE A 96 7.64 -14.16 -16.62
N GLU A 97 8.31 -14.32 -17.80
CA GLU A 97 8.23 -15.53 -18.60
C GLU A 97 6.73 -15.79 -18.87
N ASP A 98 6.26 -17.03 -18.64
CA ASP A 98 4.89 -17.46 -18.80
C ASP A 98 4.20 -17.55 -17.42
N LYS A 99 4.51 -16.61 -16.52
CA LYS A 99 3.92 -16.58 -15.17
C LYS A 99 3.43 -15.20 -14.79
N ILE A 100 2.35 -15.13 -13.98
CA ILE A 100 1.87 -13.88 -13.38
C ILE A 100 2.29 -13.96 -11.92
N ALA A 101 3.03 -12.96 -11.40
CA ALA A 101 3.45 -12.90 -9.98
C ALA A 101 2.51 -11.99 -9.21
N LEU A 102 1.97 -12.44 -8.09
CA LEU A 102 1.05 -11.69 -7.27
C LEU A 102 1.60 -11.61 -5.91
N PHE A 103 1.56 -10.39 -5.37
CA PHE A 103 2.05 -10.13 -3.98
C PHE A 103 0.90 -9.56 -3.16
N PRO A 104 0.10 -10.44 -2.53
CA PRO A 104 -1.01 -9.99 -1.67
C PRO A 104 -0.48 -9.49 -0.31
N PRO A 105 -1.35 -9.01 0.59
CA PRO A 105 -0.85 -8.46 1.83
C PRO A 105 -0.19 -9.48 2.75
N ALA A 106 0.73 -9.01 3.59
CA ALA A 106 1.36 -9.84 4.62
C ALA A 106 0.32 -10.59 5.43
N GLY A 107 0.56 -11.86 5.70
CA GLY A 107 -0.32 -12.66 6.52
C GLY A 107 -1.54 -13.23 5.80
N THR A 108 -1.67 -13.09 4.48
CA THR A 108 -2.85 -13.60 3.73
C THR A 108 -2.53 -14.77 2.79
N ARG A 109 -1.35 -15.40 2.91
CA ARG A 109 -0.92 -16.39 1.93
C ARG A 109 -1.98 -17.49 1.67
N GLU A 110 -2.59 -18.04 2.74
CA GLU A 110 -3.62 -19.08 2.63
C GLU A 110 -4.95 -18.50 2.18
N GLU A 111 -5.43 -17.43 2.85
CA GLU A 111 -6.72 -16.82 2.50
C GLU A 111 -6.72 -16.28 1.05
N PHE A 112 -5.62 -15.67 0.60
CA PHE A 112 -5.50 -15.16 -0.76
C PHE A 112 -5.50 -16.30 -1.77
N VAL A 113 -4.77 -17.37 -1.54
CA VAL A 113 -4.73 -18.53 -2.44
C VAL A 113 -6.12 -19.18 -2.50
N ASN A 114 -6.81 -19.30 -1.35
CA ASN A 114 -8.17 -19.82 -1.30
C ASN A 114 -9.15 -18.96 -2.12
N HIS A 115 -8.99 -17.69 -2.07
CA HIS A 115 -9.80 -16.74 -2.88
C HIS A 115 -9.58 -16.96 -4.36
N LEU A 116 -8.34 -17.08 -4.79
CA LEU A 116 -8.11 -17.42 -6.22
C LEU A 116 -8.72 -18.78 -6.60
N LYS A 117 -8.58 -19.81 -5.73
CA LYS A 117 -9.06 -21.16 -6.04
C LYS A 117 -10.55 -21.21 -6.08
N LYS A 118 -11.24 -20.34 -5.35
CA LYS A 118 -12.71 -20.19 -5.42
C LYS A 118 -13.18 -19.97 -6.88
N TYR A 119 -12.36 -19.24 -7.69
CA TYR A 119 -12.68 -18.90 -9.07
C TYR A 119 -11.95 -19.74 -10.10
N LEU A 120 -11.18 -20.72 -9.65
CA LEU A 120 -10.45 -21.62 -10.53
C LEU A 120 -11.43 -22.78 -10.82
N PHE A 121 -12.23 -22.62 -11.86
CA PHE A 121 -13.30 -23.58 -12.14
C PHE A 121 -12.82 -24.80 -12.94
N PHE A 122 -13.63 -25.83 -12.94
CA PHE A 122 -13.40 -27.08 -13.68
C PHE A 122 -12.83 -26.85 -15.08
N ARG A 123 -11.68 -27.47 -15.33
CA ARG A 123 -10.98 -27.46 -16.60
C ARG A 123 -10.42 -26.07 -16.96
N THR A 124 -10.19 -25.19 -15.99
CA THR A 124 -9.52 -23.92 -16.25
C THR A 124 -8.00 -24.27 -16.27
N LYS A 125 -7.27 -23.84 -17.30
CA LYS A 125 -5.86 -24.17 -17.48
C LYS A 125 -4.99 -23.15 -16.76
N ALA A 126 -5.01 -23.20 -15.44
CA ALA A 126 -4.20 -22.31 -14.60
C ALA A 126 -3.80 -23.09 -13.36
N LYS A 127 -2.65 -22.81 -12.81
CA LYS A 127 -2.13 -23.47 -11.62
C LYS A 127 -1.53 -22.40 -10.72
N ILE A 128 -1.75 -22.50 -9.41
CA ILE A 128 -1.26 -21.54 -8.43
C ILE A 128 -0.15 -22.16 -7.62
N THR A 129 0.94 -21.43 -7.37
CA THR A 129 2.09 -21.89 -6.56
C THR A 129 2.49 -20.83 -5.58
N ASP A 130 2.63 -21.22 -4.32
CA ASP A 130 3.04 -20.33 -3.28
C ASP A 130 4.58 -20.49 -3.08
N SER A 132 6.48 -18.28 -1.31
CA SER A 132 6.82 -17.34 -0.27
C SER A 132 7.98 -17.74 0.61
N ASP A 133 8.17 -19.04 0.88
CA ASP A 133 9.29 -19.44 1.74
C ASP A 133 10.64 -19.35 0.99
N HIS A 134 10.66 -19.10 -0.34
CA HIS A 134 11.93 -19.02 -1.09
C HIS A 134 12.60 -17.64 -0.96
N PHE A 135 11.88 -16.61 -0.48
CA PHE A 135 12.40 -15.24 -0.48
C PHE A 135 12.25 -14.52 0.84
N ARG A 136 13.21 -13.65 1.17
CA ARG A 136 13.16 -12.67 2.28
C ARG A 136 12.87 -11.28 1.64
N GLU A 137 11.93 -10.49 2.19
CA GLU A 137 11.63 -9.16 1.68
C GLU A 137 12.49 -8.08 2.41
N ILE A 138 13.06 -7.16 1.64
CA ILE A 138 13.78 -5.99 2.16
C ILE A 138 13.12 -4.84 1.48
N ARG A 139 12.77 -3.80 2.22
CA ARG A 139 12.14 -2.63 1.61
C ARG A 139 13.00 -1.40 1.66
N LEU A 140 12.93 -0.61 0.56
CA LEU A 140 13.63 0.65 0.44
C LEU A 140 12.62 1.75 0.23
N VAL A 141 12.81 2.92 0.90
CA VAL A 141 11.95 4.08 0.67
C VAL A 141 12.80 5.34 0.52
N GLY A 142 12.30 6.33 -0.21
CA GLY A 142 12.96 7.62 -0.30
C GLY A 142 13.66 7.94 -1.58
N PRO A 143 14.08 9.22 -1.70
CA PRO A 143 14.59 9.75 -2.98
C PRO A 143 15.82 9.07 -3.57
N GLU A 144 16.66 8.43 -2.73
CA GLU A 144 17.87 7.74 -3.19
C GLU A 144 17.66 6.23 -3.39
N THR A 145 16.42 5.72 -3.34
CA THR A 145 16.13 4.31 -3.52
C THR A 145 16.75 3.73 -4.79
N ILE A 146 16.62 4.42 -5.95
CA ILE A 146 17.17 3.86 -7.19
C ILE A 146 18.71 3.74 -7.08
N SER A 147 19.40 4.73 -6.49
N SER A 147 19.37 4.72 -6.49
CA SER A 147 20.87 4.70 -6.35
CA SER A 147 20.82 4.74 -6.33
C SER A 147 21.31 3.49 -5.51
C SER A 147 21.31 3.54 -5.50
N VAL A 148 20.53 3.12 -4.51
CA VAL A 148 20.85 1.96 -3.67
C VAL A 148 20.69 0.70 -4.52
N LEU A 149 19.62 0.62 -5.36
CA LEU A 149 19.42 -0.56 -6.21
C LEU A 149 20.57 -0.68 -7.25
N LEU A 150 20.90 0.45 -7.90
CA LEU A 150 22.00 0.52 -8.87
C LEU A 150 23.33 0.10 -8.29
N SER A 151 23.53 0.27 -6.99
CA SER A 151 24.74 -0.15 -6.32
C SER A 151 24.75 -1.66 -6.13
N LEU A 152 23.66 -2.26 -5.63
CA LEU A 152 23.62 -3.70 -5.44
C LEU A 152 23.55 -4.49 -6.76
N PHE A 153 22.81 -3.97 -7.76
CA PHE A 153 22.49 -4.72 -8.98
C PHE A 153 22.81 -3.96 -10.25
N ASP A 154 22.82 -4.69 -11.36
CA ASP A 154 23.15 -4.15 -12.68
C ASP A 154 21.89 -3.77 -13.48
N ASN A 155 22.12 -3.14 -14.65
CA ASN A 155 21.14 -2.67 -15.64
C ASN A 155 20.46 -1.34 -15.15
N ASN A 156 19.10 -1.26 -15.01
CA ASN A 156 18.48 0.04 -14.71
C ASN A 156 17.06 -0.08 -14.14
N PHE A 157 16.60 1.00 -13.48
CA PHE A 157 15.33 0.95 -12.75
C PHE A 157 14.50 2.24 -12.83
N SER A 158 13.16 2.05 -12.71
CA SER A 158 12.19 3.15 -12.75
C SER A 158 10.92 2.76 -12.06
N GLY A 159 10.08 3.75 -11.76
CA GLY A 159 8.79 3.55 -11.13
C GLY A 159 7.90 2.59 -11.90
N SER A 160 6.99 1.91 -11.22
CA SER A 160 6.04 0.94 -11.78
C SER A 160 6.76 -0.19 -12.54
N SER A 161 7.78 -0.80 -11.95
CA SER A 161 8.51 -1.86 -12.65
C SER A 161 8.61 -3.09 -11.83
N PHE A 162 8.75 -4.20 -12.55
CA PHE A 162 8.87 -5.55 -11.98
C PHE A 162 10.00 -6.23 -12.68
N ARG A 163 11.05 -6.54 -11.96
CA ARG A 163 12.26 -7.12 -12.57
C ARG A 163 12.68 -8.40 -11.87
N LEU A 165 15.88 -10.52 -10.77
CA LEU A 165 17.30 -10.30 -10.53
C LEU A 165 18.09 -11.48 -11.18
N LYS A 166 19.28 -11.22 -11.68
CA LYS A 166 20.03 -12.28 -12.42
C LYS A 166 20.37 -13.48 -11.50
N ASN A 167 20.57 -13.18 -10.23
CA ASN A 167 20.84 -14.15 -9.17
C ASN A 167 19.58 -14.90 -8.65
N GLY A 168 18.39 -14.51 -9.11
CA GLY A 168 17.14 -15.08 -8.62
C GLY A 168 16.52 -14.01 -7.74
N GLY A 169 15.24 -14.07 -7.57
CA GLY A 169 14.59 -13.03 -6.78
C GLY A 169 14.06 -11.89 -7.65
N TYR A 170 13.39 -10.95 -7.04
CA TYR A 170 12.65 -9.95 -7.80
C TYR A 170 12.72 -8.58 -7.18
N VAL A 171 12.52 -7.55 -7.99
CA VAL A 171 12.40 -6.20 -7.45
C VAL A 171 11.11 -5.60 -7.97
N LEU A 172 10.33 -5.06 -7.06
CA LEU A 172 9.12 -4.31 -7.33
C LEU A 172 9.42 -2.84 -7.06
N ILE A 173 9.26 -1.98 -8.07
CA ILE A 173 9.35 -0.54 -7.84
C ILE A 173 7.96 -0.05 -7.99
N HIS A 174 7.38 0.47 -6.94
CA HIS A 174 6.00 0.93 -6.98
C HIS A 174 5.82 2.11 -7.93
N PRO A 175 4.60 2.34 -8.39
CA PRO A 175 4.33 3.65 -9.04
C PRO A 175 4.55 4.76 -8.04
N THR A 176 5.04 5.92 -8.50
CA THR A 176 5.30 7.02 -7.57
C THR A 176 3.97 7.69 -7.13
N SER A 177 2.86 7.51 -7.90
CA SER A 177 1.54 8.05 -7.53
C SER A 177 0.69 7.00 -6.86
N PHE A 178 0.01 7.39 -5.77
CA PHE A 178 -0.79 6.43 -5.06
C PHE A 178 -2.13 7.03 -4.67
N GLN A 179 -2.47 7.15 -3.39
CA GLN A 179 -3.80 7.60 -2.99
C GLN A 179 -4.07 9.01 -3.54
N HIS A 180 -5.26 9.18 -4.10
CA HIS A 180 -5.77 10.40 -4.74
C HIS A 180 -4.79 10.93 -5.80
N ASN A 181 -4.03 10.03 -6.48
CA ASN A 181 -2.98 10.29 -7.42
C ASN A 181 -1.92 11.18 -6.90
N LEU A 182 -1.65 11.14 -5.60
CA LEU A 182 -0.60 11.98 -5.03
C LEU A 182 0.71 11.27 -5.18
N ASP A 183 1.77 12.03 -5.41
CA ASP A 183 3.13 11.52 -5.46
C ASP A 183 3.55 11.17 -4.02
N VAL A 184 3.85 9.88 -3.75
CA VAL A 184 4.26 9.43 -2.43
C VAL A 184 5.77 9.02 -2.41
N GLY A 185 6.49 9.40 -3.44
CA GLY A 185 7.91 9.13 -3.48
C GLY A 185 8.24 7.71 -3.86
N LEU A 186 9.55 7.40 -3.91
CA LEU A 186 9.99 6.07 -4.29
C LEU A 186 9.81 5.00 -3.20
N GLN A 187 9.40 3.83 -3.63
CA GLN A 187 9.28 2.60 -2.78
C GLN A 187 9.68 1.39 -3.57
N ALA A 188 10.67 0.65 -3.08
CA ALA A 188 11.07 -0.57 -3.74
C ALA A 188 11.04 -1.72 -2.76
N ASP A 189 10.52 -2.87 -3.23
CA ASP A 189 10.48 -4.11 -2.46
C ASP A 189 11.34 -5.14 -3.12
N LEU A 190 12.30 -5.61 -2.39
CA LEU A 190 13.25 -6.58 -2.89
C LEU A 190 12.92 -7.95 -2.31
N PHE A 191 12.66 -8.96 -3.15
CA PHE A 191 12.43 -10.35 -2.70
C PHE A 191 13.67 -11.13 -3.02
N ILE A 192 14.52 -11.33 -2.00
CA ILE A 192 15.85 -11.91 -2.13
C ILE A 192 15.84 -13.40 -1.82
N PRO A 193 16.45 -14.27 -2.67
CA PRO A 193 16.48 -15.69 -2.35
C PRO A 193 17.08 -15.92 -0.96
N ILE A 194 16.49 -16.80 -0.20
CA ILE A 194 16.95 -17.09 1.18
C ILE A 194 18.49 -17.21 1.30
N ASP A 195 19.12 -18.00 0.42
CA ASP A 195 20.56 -18.24 0.52
C ASP A 195 21.40 -16.98 0.25
N GLN A 196 20.82 -15.91 -0.32
CA GLN A 196 21.55 -14.66 -0.60
C GLN A 196 21.22 -13.53 0.38
N PHE A 197 20.29 -13.78 1.31
CA PHE A 197 19.79 -12.80 2.25
C PHE A 197 20.88 -12.16 3.12
N GLU A 198 21.63 -12.95 3.91
CA GLU A 198 22.64 -12.45 4.85
C GLU A 198 23.73 -11.61 4.10
N THR A 199 24.07 -12.00 2.88
CA THR A 199 25.01 -11.28 2.01
C THR A 199 24.40 -9.93 1.58
N THR A 200 23.15 -9.91 1.14
CA THR A 200 22.46 -8.67 0.68
C THR A 200 22.29 -7.71 1.84
N GLN A 201 21.89 -8.23 3.00
CA GLN A 201 21.78 -7.48 4.26
C GLN A 201 23.11 -6.78 4.63
N LYS A 202 24.24 -7.51 4.59
CA LYS A 202 25.61 -7.00 4.87
C LYS A 202 25.96 -5.89 3.86
N SER A 203 25.68 -6.14 2.56
CA SER A 203 25.88 -5.13 1.52
C SER A 203 25.05 -3.88 1.83
N LEU A 204 23.75 -4.03 2.15
CA LEU A 204 22.92 -2.88 2.48
C LEU A 204 23.37 -2.14 3.74
N GLU A 205 23.88 -2.84 4.79
CA GLU A 205 24.35 -2.18 6.02
C GLU A 205 25.55 -1.27 5.71
N ASP A 206 26.46 -1.74 4.84
CA ASP A 206 27.62 -0.97 4.40
C ASP A 206 27.15 0.27 3.62
N PHE A 207 26.25 0.08 2.66
CA PHE A 207 25.73 1.17 1.86
C PHE A 207 25.03 2.20 2.71
N THR A 208 24.25 1.75 3.70
CA THR A 208 23.53 2.64 4.62
C THR A 208 24.51 3.50 5.42
N SER A 209 25.49 2.87 6.07
CA SER A 209 26.48 3.56 6.88
C SER A 209 27.36 4.54 6.05
N ASN A 210 27.69 4.18 4.81
CA ASN A 210 28.54 5.00 3.94
C ASN A 210 27.80 6.17 3.31
N LYS A 211 26.59 5.92 2.82
CA LYS A 211 25.79 6.93 2.11
C LYS A 211 24.69 7.63 2.97
N GLY A 212 24.75 7.46 4.29
CA GLY A 212 23.87 8.15 5.22
C GLY A 212 22.37 7.92 5.16
N GLY A 213 21.95 6.73 4.78
CA GLY A 213 20.55 6.36 4.85
C GLY A 213 20.25 5.93 6.28
N VAL A 214 19.07 5.38 6.53
CA VAL A 214 18.72 4.95 7.89
C VAL A 214 18.03 3.61 7.88
N LEU A 215 18.34 2.81 8.88
CA LEU A 215 17.68 1.54 9.12
C LEU A 215 16.45 1.86 9.98
N LEU A 216 15.29 1.68 9.39
CA LEU A 216 14.01 1.96 10.06
C LEU A 216 13.54 0.73 10.86
N ASP A 217 13.00 0.96 12.02
CA ASP A 217 12.33 -0.07 12.79
C ASP A 217 10.83 -0.03 12.35
N GLU A 218 10.00 -0.96 12.82
CA GLU A 218 8.58 -1.02 12.44
C GLU A 218 7.83 0.30 12.70
N SER A 219 8.01 0.93 13.89
CA SER A 219 7.29 2.19 14.21
C SER A 219 7.71 3.37 13.30
N SER A 220 9.00 3.47 12.97
CA SER A 220 9.48 4.54 12.09
C SER A 220 9.07 4.26 10.63
N TYR A 221 9.14 3.01 10.19
CA TYR A 221 8.65 2.63 8.85
C TYR A 221 7.14 3.02 8.70
N LEU A 222 6.31 2.66 9.66
CA LEU A 222 4.89 3.02 9.66
C LEU A 222 4.66 4.55 9.73
N ALA A 223 5.46 5.30 10.55
CA ALA A 223 5.39 6.74 10.61
C ALA A 223 5.69 7.33 9.22
N TYR A 224 6.74 6.80 8.56
CA TYR A 224 7.12 7.25 7.24
C TYR A 224 5.92 7.07 6.26
N LEU A 225 5.34 5.86 6.24
CA LEU A 225 4.19 5.61 5.33
C LEU A 225 3.01 6.51 5.67
N THR A 226 2.77 6.74 6.96
CA THR A 226 1.62 7.63 7.35
C THR A 226 1.91 9.08 6.95
N GLU A 227 3.17 9.53 7.10
CA GLU A 227 3.61 10.89 6.65
C GLU A 227 3.39 11.07 5.12
N LYS A 228 3.49 9.99 4.35
CA LYS A 228 3.20 10.00 2.89
C LYS A 228 1.70 9.80 2.56
N GLY A 229 0.86 9.59 3.58
CA GLY A 229 -0.59 9.42 3.43
C GLY A 229 -1.04 8.09 2.86
N ILE A 230 -0.16 7.07 2.92
CA ILE A 230 -0.38 5.79 2.24
C ILE A 230 -1.35 4.90 3.03
N PRO A 231 -2.52 4.58 2.42
CA PRO A 231 -3.46 3.65 3.08
C PRO A 231 -2.96 2.21 2.95
N LEU A 232 -3.17 1.40 3.95
CA LEU A 232 -2.65 0.03 4.00
C LEU A 232 -3.78 -0.98 4.31
N PHE A 233 -3.61 -2.21 3.87
CA PHE A 233 -4.42 -3.34 4.31
C PHE A 233 -3.82 -3.75 5.66
N PRO A 234 -4.59 -4.02 6.72
CA PRO A 234 -6.04 -4.14 6.80
C PRO A 234 -6.68 -2.90 7.41
N SER A 235 -5.90 -1.87 7.77
CA SER A 235 -6.48 -0.73 8.51
C SER A 235 -7.40 0.12 7.64
N GLU A 236 -6.91 0.56 6.52
CA GLU A 236 -7.72 1.40 5.62
C GLU A 236 -8.34 0.55 4.51
N LEU A 237 -7.68 -0.55 4.13
CA LEU A 237 -8.16 -1.38 3.00
C LEU A 237 -8.65 -2.70 3.52
N ASN A 238 -9.93 -2.83 3.57
CA ASN A 238 -10.60 -4.05 4.09
C ASN A 238 -12.02 -4.03 3.58
N ASP A 239 -12.82 -5.06 3.90
CA ASP A 239 -14.14 -5.26 3.33
C ASP A 239 -15.23 -4.32 3.81
N SER A 240 -14.92 -3.34 4.67
CA SER A 240 -15.85 -2.27 4.98
C SER A 240 -15.78 -1.20 3.89
N PHE A 241 -14.70 -1.17 3.06
CA PHE A 241 -14.53 -0.04 2.13
C PHE A 241 -14.50 -0.38 0.67
N PHE A 242 -14.76 0.66 -0.16
CA PHE A 242 -14.68 0.58 -1.62
C PHE A 242 -13.39 1.15 -2.10
N PRO A 243 -12.86 0.71 -3.24
CA PRO A 243 -11.61 1.32 -3.78
C PRO A 243 -11.68 2.85 -3.95
N ALA A 244 -12.78 3.38 -4.45
CA ALA A 244 -12.93 4.84 -4.62
C ALA A 244 -12.98 5.58 -3.28
N GLU A 245 -13.58 4.97 -2.24
CA GLU A 245 -13.54 5.58 -0.90
C GLU A 245 -12.10 5.71 -0.42
N ALA A 246 -11.30 4.68 -0.67
CA ALA A 246 -9.86 4.65 -0.32
C ALA A 246 -8.95 5.55 -1.17
N GLY A 247 -9.48 6.24 -2.20
CA GLY A 247 -8.66 7.08 -3.06
C GLY A 247 -7.74 6.31 -3.98
N LEU A 248 -8.03 5.02 -4.26
CA LEU A 248 -7.14 4.13 -4.96
C LEU A 248 -7.77 3.48 -6.22
N ASP A 249 -8.92 3.93 -6.65
CA ASP A 249 -9.48 3.40 -7.87
C ASP A 249 -8.69 3.88 -9.13
N SER A 250 -8.00 5.05 -9.10
CA SER A 250 -7.20 5.48 -10.26
C SER A 250 -5.99 4.54 -10.48
N VAL A 251 -5.37 4.04 -9.41
CA VAL A 251 -4.21 3.13 -9.55
C VAL A 251 -4.55 1.60 -9.49
N GLY A 252 -5.68 1.24 -8.89
CA GLY A 252 -6.06 -0.16 -8.67
C GLY A 252 -7.25 -0.73 -9.43
N VAL A 253 -8.01 0.11 -10.18
CA VAL A 253 -9.19 -0.35 -10.93
C VAL A 253 -9.09 0.10 -12.35
N SER A 254 -9.49 -0.73 -13.29
CA SER A 254 -9.69 -0.32 -14.68
C SER A 254 -11.16 -0.15 -14.93
N TYR A 255 -11.59 1.05 -15.43
CA TYR A 255 -12.96 1.30 -15.82
C TYR A 255 -13.18 0.96 -17.32
N ASN A 256 -12.17 0.51 -18.07
CA ASN A 256 -12.32 0.14 -19.48
C ASN A 256 -12.26 -1.38 -19.74
N LYS A 257 -11.91 -2.19 -18.79
CA LYS A 257 -11.77 -3.62 -19.04
C LYS A 257 -13.12 -4.39 -19.09
N GLY A 258 -13.06 -5.66 -19.38
CA GLY A 258 -14.22 -6.54 -19.41
C GLY A 258 -14.59 -7.05 -18.03
N CYS A 259 -15.54 -7.99 -18.01
CA CYS A 259 -16.13 -8.57 -16.80
C CYS A 259 -15.11 -8.94 -15.71
N TYR A 260 -15.43 -8.54 -14.48
CA TYR A 260 -14.71 -8.95 -13.28
C TYR A 260 -15.60 -8.83 -12.10
N VAL A 261 -15.27 -9.57 -11.06
CA VAL A 261 -16.02 -9.59 -9.82
C VAL A 261 -16.06 -8.19 -9.19
N GLY A 262 -17.26 -7.71 -8.93
CA GLY A 262 -17.43 -6.39 -8.38
C GLY A 262 -17.49 -5.25 -9.38
N GLN A 263 -17.38 -5.55 -10.69
CA GLN A 263 -17.31 -4.48 -11.69
C GLN A 263 -18.54 -3.57 -11.73
N GLU A 264 -19.73 -4.14 -11.75
CA GLU A 264 -20.93 -3.32 -11.89
C GLU A 264 -21.09 -2.35 -10.73
N PRO A 265 -20.96 -2.74 -9.46
CA PRO A 265 -21.09 -1.75 -8.35
C PRO A 265 -19.95 -0.72 -8.33
N VAL A 266 -18.72 -1.12 -8.70
CA VAL A 266 -17.56 -0.22 -8.84
C VAL A 266 -17.90 0.87 -9.85
N THR A 267 -18.47 0.44 -10.99
CA THR A 267 -18.75 1.35 -12.10
C THR A 267 -19.92 2.23 -11.79
N ARG A 268 -20.98 1.67 -11.24
CA ARG A 268 -22.14 2.46 -10.83
C ARG A 268 -21.75 3.57 -9.80
N LEU A 269 -20.98 3.22 -8.77
CA LEU A 269 -20.50 4.19 -7.77
C LEU A 269 -19.81 5.38 -8.49
N LYS A 270 -18.95 5.05 -9.45
CA LYS A 270 -18.18 6.02 -10.19
C LYS A 270 -19.06 6.96 -11.05
N PHE A 271 -19.97 6.42 -11.91
CA PHE A 271 -20.73 7.17 -12.90
C PHE A 271 -22.10 7.69 -12.41
N GLN A 272 -22.76 7.02 -11.50
CA GLN A 272 -24.11 7.45 -11.09
C GLN A 272 -24.21 7.71 -9.60
N GLY A 273 -23.48 6.93 -8.83
CA GLY A 273 -23.51 7.02 -7.40
C GLY A 273 -22.72 8.19 -6.87
N HIS A 274 -22.83 8.34 -5.56
CA HIS A 274 -22.22 9.44 -4.83
C HIS A 274 -21.31 8.85 -3.79
N LEU A 275 -20.10 9.38 -3.74
CA LEU A 275 -19.11 8.96 -2.79
C LEU A 275 -19.47 9.66 -1.44
N ASN A 276 -19.89 8.88 -0.45
CA ASN A 276 -20.32 9.39 0.85
C ASN A 276 -19.16 9.73 1.79
N ARG A 277 -18.05 8.99 1.67
CA ARG A 277 -16.89 9.20 2.50
C ARG A 277 -15.64 9.01 1.68
N SER A 278 -14.54 9.60 2.13
CA SER A 278 -13.27 9.57 1.40
C SER A 278 -12.09 9.54 2.35
N LEU A 279 -10.98 8.94 1.89
CA LEU A 279 -9.77 8.84 2.66
C LEU A 279 -9.29 10.22 3.02
N ALA A 280 -9.02 10.46 4.31
CA ALA A 280 -8.55 11.75 4.82
C ALA A 280 -7.39 11.61 5.79
N GLY A 281 -6.59 12.64 5.82
CA GLY A 281 -5.52 12.79 6.78
C GLY A 281 -6.02 13.51 8.00
N PHE A 282 -5.48 13.15 9.17
CA PHE A 282 -5.88 13.79 10.40
C PHE A 282 -4.65 14.17 11.20
N ARG A 283 -4.75 15.30 11.90
CA ARG A 283 -3.72 15.74 12.82
C ARG A 283 -4.30 15.72 14.26
N LEU A 284 -3.55 15.20 15.22
CA LEU A 284 -3.99 15.14 16.65
C LEU A 284 -2.80 15.35 17.57
N GLU A 285 -3.06 15.74 18.82
CA GLU A 285 -1.98 16.08 19.78
C GLU A 285 -1.11 14.91 20.27
N GLY A 286 0.17 15.21 20.51
CA GLY A 286 1.18 14.28 21.02
C GLY A 286 1.15 12.90 20.40
N PRO A 290 -1.24 3.80 21.20
CA PRO A 290 -1.20 2.44 21.74
C PRO A 290 -2.41 2.09 22.62
N LYS A 291 -3.13 3.12 23.09
CA LYS A 291 -4.29 3.00 24.00
C LYS A 291 -5.58 2.71 23.21
N GLU A 293 -8.58 1.71 20.53
CA GLU A 293 -8.99 0.52 19.80
C GLU A 293 -9.57 0.98 18.45
N PHE A 294 -8.84 0.69 17.40
CA PHE A 294 -9.21 1.11 16.06
C PHE A 294 -10.17 0.10 15.40
N PRO A 295 -11.07 0.53 14.49
CA PRO A 295 -11.31 1.90 14.02
C PRO A 295 -12.01 2.69 15.10
N VAL A 296 -11.74 4.00 15.21
CA VAL A 296 -12.39 4.86 16.19
C VAL A 296 -13.35 5.75 15.48
N THR A 297 -14.55 5.87 16.04
CA THR A 297 -15.56 6.79 15.51
C THR A 297 -15.21 8.24 15.78
N LEU A 298 -15.43 9.10 14.78
CA LEU A 298 -15.23 10.52 14.89
C LEU A 298 -16.60 11.17 14.91
N PHE A 299 -16.78 12.20 15.73
CA PHE A 299 -18.07 12.88 15.89
C PHE A 299 -18.00 14.34 15.49
N ASN A 300 -19.12 14.83 14.97
CA ASN A 300 -19.33 16.23 14.62
C ASN A 300 -19.58 17.02 15.93
N PRO A 301 -18.69 18.01 16.30
CA PRO A 301 -18.90 18.79 17.53
C PRO A 301 -20.24 19.57 17.61
N LYS A 302 -20.86 19.96 16.49
CA LYS A 302 -22.14 20.71 16.47
C LYS A 302 -23.33 19.91 17.04
N ASP A 303 -23.65 18.76 16.41
CA ASP A 303 -24.79 17.90 16.75
C ASP A 303 -24.42 16.55 17.41
N GLY A 304 -23.14 16.18 17.46
CA GLY A 304 -22.74 14.92 18.08
C GLY A 304 -22.98 13.68 17.22
N ASN A 305 -23.31 13.87 15.95
CA ASN A 305 -23.49 12.78 15.01
C ASN A 305 -22.13 12.27 14.51
N GLU A 306 -22.12 11.04 14.01
CA GLU A 306 -20.94 10.37 13.45
C GLU A 306 -20.52 11.13 12.18
N ALA A 307 -19.21 11.49 12.08
CA ALA A 307 -18.67 12.27 10.97
C ALA A 307 -17.66 11.49 10.15
N GLY A 308 -17.11 10.43 10.73
CA GLY A 308 -16.12 9.60 10.09
C GLY A 308 -15.53 8.57 11.01
N ILE A 309 -14.36 8.09 10.62
CA ILE A 309 -13.62 7.07 11.35
C ILE A 309 -12.15 7.30 11.16
N LEU A 310 -11.43 7.05 12.23
CA LEU A 310 -9.98 7.09 12.27
C LEU A 310 -9.53 5.64 12.27
N THR A 311 -8.65 5.28 11.32
CA THR A 311 -8.29 3.87 11.10
C THR A 311 -6.91 3.54 11.60
N ARG A 312 -6.01 4.53 11.67
CA ARG A 312 -4.69 4.32 12.22
C ARG A 312 -4.07 5.63 12.54
N THR A 313 -3.11 5.56 13.46
CA THR A 313 -2.33 6.76 13.81
C THR A 313 -0.86 6.41 13.94
N SER A 314 -0.02 7.43 13.80
CA SER A 314 1.41 7.38 14.08
C SER A 314 1.82 8.69 14.72
N SER A 315 2.94 8.69 15.38
CA SER A 315 3.64 9.93 15.72
C SER A 315 4.32 10.48 14.48
N SER A 316 4.43 11.81 14.37
CA SER A 316 5.24 12.50 13.37
C SER A 316 6.09 13.55 14.06
N ASP A 317 7.43 13.38 14.08
CA ASP A 317 8.33 14.38 14.61
C ASP A 317 8.37 15.58 13.67
N ILE A 318 8.27 15.35 12.37
CA ILE A 318 8.31 16.44 11.41
C ILE A 318 7.10 17.38 11.63
N LEU A 319 5.90 16.82 11.79
CA LEU A 319 4.72 17.66 12.02
C LEU A 319 4.57 18.11 13.48
N GLY A 320 5.28 17.44 14.37
CA GLY A 320 5.25 17.78 15.79
C GLY A 320 3.96 17.37 16.47
N SER A 321 3.34 16.33 16.01
CA SER A 321 2.10 15.85 16.60
C SER A 321 1.83 14.44 16.12
N GLY A 322 0.74 13.87 16.60
CA GLY A 322 0.25 12.62 16.10
C GLY A 322 -0.35 12.91 14.73
N ILE A 323 -0.37 11.92 13.88
CA ILE A 323 -1.04 12.02 12.59
C ILE A 323 -1.84 10.77 12.39
N GLY A 324 -2.80 10.82 11.50
CA GLY A 324 -3.50 9.58 11.19
C GLY A 324 -4.25 9.59 9.90
N LEU A 325 -4.78 8.45 9.56
CA LEU A 325 -5.58 8.27 8.37
C LEU A 325 -6.96 7.71 8.78
N GLY A 326 -7.91 7.92 7.91
CA GLY A 326 -9.25 7.42 8.08
C GLY A 326 -10.18 7.88 6.99
N TYR A 327 -11.46 7.88 7.30
CA TYR A 327 -12.50 8.19 6.33
C TYR A 327 -13.33 9.29 6.87
N ILE A 328 -13.64 10.29 6.01
CA ILE A 328 -14.45 11.43 6.41
C ILE A 328 -15.69 11.52 5.53
N LYS A 329 -16.85 11.74 6.15
CA LYS A 329 -18.09 11.98 5.41
C LYS A 329 -17.95 13.31 4.65
N ARG A 330 -18.57 13.38 3.48
CA ARG A 330 -18.46 14.52 2.55
C ARG A 330 -18.67 15.91 3.19
N ASN A 331 -19.65 16.02 4.08
CA ASN A 331 -19.95 17.30 4.73
C ASN A 331 -18.79 17.80 5.66
N PHE A 332 -17.75 16.98 5.94
CA PHE A 332 -16.65 17.38 6.83
C PHE A 332 -15.30 17.22 6.21
N SER A 333 -15.21 17.07 4.89
CA SER A 333 -13.93 16.77 4.23
C SER A 333 -12.96 17.94 4.07
N GLU A 334 -13.41 19.19 4.25
CA GLU A 334 -12.54 20.35 4.06
C GLU A 334 -11.37 20.36 5.07
N ASN A 335 -10.15 20.66 4.61
CA ASN A 335 -9.00 20.75 5.52
C ASN A 335 -9.26 21.76 6.61
N GLY A 336 -8.88 21.42 7.83
CA GLY A 336 -9.12 22.28 8.97
C GLY A 336 -10.37 21.89 9.75
N THR A 337 -11.32 21.11 9.16
CA THR A 337 -12.51 20.66 9.90
C THR A 337 -12.13 19.92 11.18
N GLU A 338 -12.68 20.36 12.30
CA GLU A 338 -12.39 19.76 13.61
C GLU A 338 -13.48 18.73 13.98
N LEU A 339 -13.05 17.52 14.38
CA LEU A 339 -13.93 16.41 14.82
C LEU A 339 -13.49 15.95 16.20
N LEU A 340 -14.36 15.22 16.89
CA LEU A 340 -14.07 14.71 18.20
C LEU A 340 -13.97 13.20 18.23
N LEU A 341 -13.01 12.73 18.98
CA LEU A 341 -12.90 11.33 19.34
C LEU A 341 -13.92 11.02 20.50
N PRO A 342 -14.16 9.74 20.84
CA PRO A 342 -15.18 9.42 21.87
C PRO A 342 -14.92 10.04 23.27
N ASP A 343 -13.65 10.25 23.61
CA ASP A 343 -13.24 10.88 24.89
C ASP A 343 -13.08 12.43 24.81
N ALA A 344 -13.50 12.98 23.66
CA ALA A 344 -13.54 14.38 23.30
C ALA A 344 -12.17 15.00 22.96
N GLN A 345 -11.14 14.20 22.64
CA GLN A 345 -9.89 14.75 22.09
C GLN A 345 -10.22 15.21 20.68
N LEU A 346 -9.63 16.31 20.24
CA LEU A 346 -9.98 16.88 18.93
C LEU A 346 -9.04 16.36 17.85
N VAL A 347 -9.56 16.09 16.66
CA VAL A 347 -8.72 15.74 15.51
C VAL A 347 -9.02 16.81 14.47
N ARG A 348 -8.05 17.15 13.62
CA ARG A 348 -8.29 18.14 12.57
C ARG A 348 -7.99 17.52 11.23
N VAL A 349 -8.92 17.64 10.28
CA VAL A 349 -8.68 17.18 8.90
C VAL A 349 -7.46 17.94 8.34
N HIS A 350 -6.51 17.20 7.76
CA HIS A 350 -5.26 17.71 7.21
C HIS A 350 -5.03 17.20 5.80
N SER A 351 -4.35 18.04 4.99
CA SER A 351 -3.94 17.69 3.62
C SER A 351 -2.98 16.46 3.63
N LEU A 352 -3.03 15.67 2.57
CA LEU A 352 -2.10 14.60 2.31
C LEU A 352 -1.26 14.94 1.10
N PRO A 353 -0.01 14.44 1.01
CA PRO A 353 0.76 13.79 2.08
C PRO A 353 1.05 14.85 3.15
N PHE A 354 1.41 14.41 4.35
CA PHE A 354 1.77 15.33 5.44
C PHE A 354 3.10 15.94 5.20
N VAL A 355 4.01 15.16 4.65
CA VAL A 355 5.39 15.49 4.30
C VAL A 355 5.64 15.17 2.85
#